data_3F2P
#
_entry.id   3F2P
#
_cell.length_a   92.787
_cell.length_b   92.787
_cell.length_c   130.655
_cell.angle_alpha   90.00
_cell.angle_beta   90.00
_cell.angle_gamma   120.00
#
_symmetry.space_group_name_H-M   'P 61 2 2'
#
loop_
_entity.id
_entity.type
_entity.pdbx_description
1 polymer Thermolysin
2 non-polymer 'CALCIUM ION'
3 non-polymer 'ZINC ION'
4 non-polymer '3-methyl-2-(propanoyloxy)benzoic acid'
5 non-polymer 'DIMETHYL SULFOXIDE'
6 water water
#
_entity_poly.entity_id   1
_entity_poly.type   'polypeptide(L)'
_entity_poly.pdbx_seq_one_letter_code
;ITGTSTVGVGRGVLGDQKNINTTYSTYYYLQDNTRGDGIFTYDAKYRTTLPGSLWADADNQFFASYDAPAVDAHYYAGVT
YDYYKNVHNRLSYDGNNAAIRSSVHYSQGYNNAFWNGSEMVYGDGDGQTFIPLSGGIDVVAHELTHAVTDYTAGLIYQNE
SGAINEAISDIFGTLVEFYANKNPDWEIGEDVYTPGISGDSLRSMSDPAKYGDPDHYSKRYTGTQDNGGVHINSGIINKA
AYLISQGGTHYGVSVVGIGRDKLGKIFYRALTQYLTPTSNFSQLRAAAVQSATDLYGSTSQEVASVKQAFDAVGVK
;
_entity_poly.pdbx_strand_id   A
#
loop_
_chem_comp.id
_chem_comp.type
_chem_comp.name
_chem_comp.formula
CA non-polymer 'CALCIUM ION' 'Ca 2'
DMS non-polymer 'DIMETHYL SULFOXIDE' 'C2 H6 O S'
S3B non-polymer '3-methyl-2-(propanoyloxy)benzoic acid' 'C11 H12 O4'
ZN non-polymer 'ZINC ION' 'Zn 2'
#
# COMPACT_ATOMS: atom_id res chain seq x y z
N ILE A 1 1.10 4.00 -25.74
CA ILE A 1 1.37 4.37 -27.12
C ILE A 1 2.80 4.08 -27.58
N THR A 2 3.00 4.17 -28.90
CA THR A 2 4.32 3.97 -29.48
C THR A 2 5.04 5.31 -29.50
N GLY A 3 6.30 5.26 -29.05
CA GLY A 3 7.09 6.47 -28.95
C GLY A 3 8.44 6.21 -28.32
N THR A 4 9.16 7.28 -28.05
CA THR A 4 10.52 7.17 -27.56
C THR A 4 10.48 7.56 -26.08
N SER A 5 11.19 6.79 -25.27
CA SER A 5 11.27 7.00 -23.83
C SER A 5 12.06 8.28 -23.53
N THR A 6 11.49 9.11 -22.66
CA THR A 6 12.03 10.40 -22.28
C THR A 6 11.95 10.57 -20.76
N VAL A 7 12.51 11.66 -20.29
CA VAL A 7 12.44 11.93 -18.85
C VAL A 7 11.90 13.35 -18.67
N GLY A 8 10.81 13.49 -17.93
CA GLY A 8 10.24 14.82 -17.73
C GLY A 8 10.49 15.25 -16.29
N VAL A 9 10.06 16.44 -15.89
CA VAL A 9 10.26 16.80 -14.49
C VAL A 9 9.00 17.50 -14.01
N GLY A 10 8.65 17.32 -12.75
CA GLY A 10 7.48 17.98 -12.24
C GLY A 10 7.55 18.18 -10.73
N ARG A 11 6.41 18.58 -10.20
CA ARG A 11 6.17 18.79 -8.79
CA ARG A 11 6.12 18.84 -8.81
C ARG A 11 4.96 17.94 -8.36
N GLY A 12 5.14 17.20 -7.29
CA GLY A 12 4.13 16.34 -6.72
C GLY A 12 3.19 17.10 -5.80
N VAL A 13 2.25 16.39 -5.20
CA VAL A 13 1.23 16.98 -4.35
C VAL A 13 1.84 17.82 -3.23
N LEU A 14 2.92 17.35 -2.64
CA LEU A 14 3.56 18.01 -1.52
C LEU A 14 4.53 19.10 -1.95
N GLY A 15 4.60 19.39 -3.25
CA GLY A 15 5.44 20.46 -3.76
C GLY A 15 6.86 20.01 -4.05
N ASP A 16 7.15 18.73 -3.89
CA ASP A 16 8.47 18.15 -4.12
C ASP A 16 8.75 17.92 -5.61
N GLN A 17 9.93 18.32 -6.07
CA GLN A 17 10.26 18.16 -7.48
C GLN A 17 10.77 16.76 -7.77
N LYS A 18 10.33 16.14 -8.86
CA LYS A 18 10.91 14.82 -9.14
C LYS A 18 11.01 14.61 -10.64
N ASN A 19 11.90 13.73 -11.09
CA ASN A 19 11.89 13.37 -12.51
C ASN A 19 10.92 12.23 -12.73
N ILE A 20 10.31 12.14 -13.90
CA ILE A 20 9.39 11.02 -14.17
C ILE A 20 9.64 10.47 -15.56
N ASN A 21 9.39 9.17 -15.71
CA ASN A 21 9.61 8.54 -17.02
C ASN A 21 8.40 8.74 -17.91
N THR A 22 8.64 9.29 -19.11
CA THR A 22 7.53 9.61 -19.99
C THR A 22 7.78 9.01 -21.37
N THR A 23 6.82 9.16 -22.28
CA THR A 23 6.94 8.66 -23.65
C THR A 23 6.57 9.72 -24.66
N TYR A 24 7.46 9.93 -25.64
CA TYR A 24 7.18 10.98 -26.60
C TYR A 24 6.71 10.48 -27.96
N SER A 25 5.56 11.03 -28.34
CA SER A 25 4.90 10.85 -29.63
C SER A 25 3.91 12.02 -29.82
N THR A 26 4.41 13.08 -30.42
CA THR A 26 3.74 14.36 -30.55
C THR A 26 3.58 15.08 -29.22
N TYR A 27 2.96 14.41 -28.24
CA TYR A 27 2.88 14.87 -26.87
C TYR A 27 3.81 14.03 -25.98
N TYR A 28 4.05 14.51 -24.76
CA TYR A 28 4.75 13.70 -23.78
C TYR A 28 3.68 13.05 -22.91
N TYR A 29 3.70 11.73 -22.86
CA TYR A 29 2.69 10.99 -22.10
C TYR A 29 3.25 10.44 -20.81
N LEU A 30 2.39 10.34 -19.80
CA LEU A 30 2.83 9.67 -18.57
C LEU A 30 2.76 8.16 -18.84
N GLN A 31 3.80 7.69 -19.49
CA GLN A 31 3.99 6.28 -19.78
C GLN A 31 5.46 5.93 -19.58
N ASP A 32 5.73 5.13 -18.56
CA ASP A 32 7.08 4.71 -18.17
C ASP A 32 7.35 3.36 -18.82
N ASN A 33 8.27 3.33 -19.78
CA ASN A 33 8.65 2.12 -20.48
C ASN A 33 9.83 1.42 -19.81
N THR A 34 10.35 1.99 -18.72
CA THR A 34 11.54 1.39 -18.11
C THR A 34 11.18 0.27 -17.14
N ARG A 35 9.90 0.08 -16.85
CA ARG A 35 9.53 -0.93 -15.86
C ARG A 35 8.47 -1.88 -16.42
N GLY A 36 8.82 -3.16 -16.50
CA GLY A 36 7.89 -4.20 -16.91
C GLY A 36 7.26 -3.86 -18.25
N ASP A 37 5.97 -4.08 -18.40
CA ASP A 37 5.33 -3.71 -19.66
C ASP A 37 4.72 -2.32 -19.55
N GLY A 38 5.28 -1.51 -18.63
CA GLY A 38 4.94 -0.10 -18.64
C GLY A 38 4.16 0.33 -17.42
N ILE A 39 4.28 1.59 -17.04
CA ILE A 39 3.41 2.22 -16.07
C ILE A 39 2.71 3.40 -16.74
N PHE A 40 1.39 3.41 -16.72
CA PHE A 40 0.50 4.32 -17.42
C PHE A 40 -0.39 5.12 -16.47
N THR A 41 -0.32 6.45 -16.56
CA THR A 41 -1.14 7.29 -15.67
C THR A 41 -2.15 8.06 -16.51
N TYR A 42 -3.40 8.04 -16.10
CA TYR A 42 -4.52 8.62 -16.82
C TYR A 42 -5.18 9.79 -16.10
N ASP A 43 -5.82 10.67 -16.87
CA ASP A 43 -6.65 11.76 -16.37
C ASP A 43 -8.12 11.35 -16.38
N ALA A 44 -8.75 11.23 -15.22
CA ALA A 44 -10.19 10.97 -15.21
C ALA A 44 -11.00 12.26 -15.22
N LYS A 45 -10.33 13.41 -15.20
CA LYS A 45 -11.00 14.67 -15.50
C LYS A 45 -12.26 14.94 -14.67
N TYR A 46 -12.19 14.50 -13.43
CA TYR A 46 -13.19 14.75 -12.39
C TYR A 46 -14.46 13.95 -12.66
N ARG A 47 -14.44 13.02 -13.59
CA ARG A 47 -15.60 12.15 -13.78
C ARG A 47 -15.29 10.75 -13.30
N THR A 48 -16.22 9.81 -13.47
CA THR A 48 -15.94 8.48 -12.90
C THR A 48 -15.81 7.41 -13.96
N THR A 49 -15.71 7.83 -15.23
CA THR A 49 -15.46 6.81 -16.25
C THR A 49 -13.98 6.50 -16.32
N LEU A 50 -13.61 5.22 -16.38
CA LEU A 50 -12.22 4.79 -16.30
C LEU A 50 -11.79 3.96 -17.50
N PRO A 51 -10.51 4.04 -17.87
CA PRO A 51 -9.51 4.80 -17.13
C PRO A 51 -9.47 6.28 -17.47
N GLY A 52 -10.16 6.76 -18.49
CA GLY A 52 -10.03 8.19 -18.84
C GLY A 52 -8.97 8.29 -19.93
N SER A 53 -8.28 9.42 -20.06
CA SER A 53 -7.31 9.55 -21.15
CA SER A 53 -7.31 9.62 -21.13
C SER A 53 -5.87 9.51 -20.66
N LEU A 54 -5.04 8.79 -21.41
CA LEU A 54 -3.62 8.69 -21.07
C LEU A 54 -3.05 10.10 -20.96
N TRP A 55 -2.36 10.40 -19.86
CA TRP A 55 -1.91 11.75 -19.53
C TRP A 55 -0.95 12.28 -20.60
N ALA A 56 -1.37 13.35 -21.26
CA ALA A 56 -0.66 14.01 -22.35
C ALA A 56 -0.24 15.41 -21.97
N ASP A 57 1.02 15.77 -22.25
CA ASP A 57 1.52 17.09 -21.86
C ASP A 57 2.38 17.65 -22.98
N ALA A 58 2.24 18.93 -23.30
CA ALA A 58 2.93 19.48 -24.46
C ALA A 58 4.45 19.56 -24.32
N ASP A 59 4.97 19.83 -23.13
CA ASP A 59 6.41 20.09 -23.05
C ASP A 59 7.17 19.22 -22.07
N ASN A 60 6.61 18.15 -21.51
CA ASN A 60 7.37 17.29 -20.61
C ASN A 60 7.71 17.94 -19.27
N GLN A 61 7.14 19.09 -18.97
CA GLN A 61 7.27 19.75 -17.68
C GLN A 61 5.94 19.72 -16.93
N PHE A 62 5.93 19.27 -15.68
CA PHE A 62 4.67 18.99 -15.01
C PHE A 62 4.55 19.75 -13.70
N PHE A 63 4.59 21.08 -13.78
CA PHE A 63 4.57 21.86 -12.55
C PHE A 63 3.23 22.52 -12.32
N ALA A 64 2.24 22.21 -13.15
CA ALA A 64 0.90 22.77 -12.90
C ALA A 64 0.25 22.12 -11.68
N SER A 65 -0.58 22.88 -10.96
CA SER A 65 -1.37 22.33 -9.86
C SER A 65 -2.07 21.03 -10.29
N TYR A 66 -2.68 21.10 -11.46
CA TYR A 66 -3.50 20.01 -11.99
C TYR A 66 -2.61 18.79 -12.25
N ASP A 67 -1.32 19.00 -12.49
CA ASP A 67 -0.44 17.88 -12.80
C ASP A 67 0.02 17.11 -11.58
N ALA A 68 0.01 17.73 -10.40
CA ALA A 68 0.69 17.15 -9.24
C ALA A 68 0.20 15.75 -8.87
N PRO A 69 -1.10 15.51 -8.76
CA PRO A 69 -1.52 14.15 -8.40
C PRO A 69 -1.07 13.14 -9.45
N ALA A 70 -0.97 13.56 -10.71
CA ALA A 70 -0.52 12.64 -11.74
C ALA A 70 0.96 12.31 -11.57
N VAL A 71 1.72 13.37 -11.27
CA VAL A 71 3.15 13.20 -11.08
C VAL A 71 3.41 12.16 -9.99
N ASP A 72 2.68 12.26 -8.87
CA ASP A 72 2.93 11.34 -7.77
C ASP A 72 2.37 9.93 -8.03
N ALA A 73 1.18 9.81 -8.62
CA ALA A 73 0.66 8.47 -8.91
C ALA A 73 1.67 7.70 -9.75
N HIS A 74 2.22 8.41 -10.72
CA HIS A 74 3.13 7.82 -11.70
C HIS A 74 4.45 7.46 -11.02
N TYR A 75 4.98 8.42 -10.27
CA TYR A 75 6.29 8.20 -9.67
C TYR A 75 6.21 7.14 -8.59
N TYR A 76 5.22 7.25 -7.70
CA TYR A 76 5.20 6.26 -6.61
C TYR A 76 4.83 4.88 -7.12
N ALA A 77 4.07 4.77 -8.23
CA ALA A 77 3.90 3.42 -8.78
C ALA A 77 5.27 2.90 -9.23
N GLY A 78 6.12 3.79 -9.77
CA GLY A 78 7.44 3.29 -10.18
C GLY A 78 8.19 2.80 -8.96
N VAL A 79 8.09 3.54 -7.85
CA VAL A 79 8.86 3.12 -6.68
C VAL A 79 8.34 1.80 -6.12
N THR A 80 7.02 1.62 -6.16
CA THR A 80 6.40 0.38 -5.67
C THR A 80 6.81 -0.80 -6.54
N TYR A 81 6.79 -0.66 -7.86
CA TYR A 81 7.31 -1.69 -8.78
C TYR A 81 8.72 -2.05 -8.33
N ASP A 82 9.57 -1.04 -8.15
CA ASP A 82 10.94 -1.28 -7.77
C ASP A 82 11.04 -2.09 -6.49
N TYR A 83 10.20 -1.76 -5.51
CA TYR A 83 10.22 -2.49 -4.25
C TYR A 83 9.96 -3.97 -4.51
N TYR A 84 8.82 -4.26 -5.16
CA TYR A 84 8.52 -5.69 -5.30
C TYR A 84 9.55 -6.42 -6.14
N LYS A 85 10.16 -5.73 -7.11
CA LYS A 85 11.13 -6.40 -7.97
C LYS A 85 12.45 -6.66 -7.24
N ASN A 86 13.06 -5.58 -6.76
CA ASN A 86 14.33 -5.66 -6.07
C ASN A 86 14.25 -6.42 -4.76
N VAL A 87 13.11 -6.35 -4.06
CA VAL A 87 13.11 -6.88 -2.70
C VAL A 87 12.46 -8.25 -2.66
N HIS A 88 11.48 -8.52 -3.52
CA HIS A 88 10.81 -9.80 -3.44
C HIS A 88 10.92 -10.62 -4.72
N ASN A 89 11.69 -10.12 -5.68
CA ASN A 89 11.80 -10.77 -6.98
C ASN A 89 10.44 -10.97 -7.61
N ARG A 90 9.56 -9.98 -7.47
CA ARG A 90 8.24 -10.07 -8.10
C ARG A 90 8.12 -9.00 -9.19
N LEU A 91 7.80 -9.42 -10.41
CA LEU A 91 7.61 -8.56 -11.56
C LEU A 91 6.19 -8.05 -11.70
N SER A 92 5.95 -6.78 -11.34
CA SER A 92 4.62 -6.19 -11.30
C SER A 92 3.64 -6.94 -10.41
N TYR A 93 2.37 -6.54 -10.44
CA TYR A 93 1.47 -7.17 -9.46
C TYR A 93 1.08 -8.59 -9.80
N ASP A 94 1.16 -8.98 -11.07
CA ASP A 94 0.80 -10.36 -11.38
C ASP A 94 2.04 -11.25 -11.48
N GLY A 95 3.20 -10.67 -11.18
CA GLY A 95 4.44 -11.47 -11.24
C GLY A 95 4.89 -11.70 -12.67
N ASN A 96 4.17 -11.18 -13.64
CA ASN A 96 4.58 -11.40 -15.03
C ASN A 96 4.60 -10.06 -15.77
N ASN A 97 4.94 -9.01 -15.04
CA ASN A 97 5.09 -7.67 -15.57
C ASN A 97 3.84 -7.11 -16.21
N ALA A 98 2.67 -7.30 -15.60
CA ALA A 98 1.46 -6.66 -16.14
C ALA A 98 1.63 -5.14 -16.16
N ALA A 99 1.04 -4.47 -17.12
CA ALA A 99 1.04 -3.01 -17.18
C ALA A 99 0.33 -2.43 -15.95
N ILE A 100 0.97 -1.43 -15.36
CA ILE A 100 0.39 -0.84 -14.16
C ILE A 100 -0.35 0.43 -14.59
N ARG A 101 -1.63 0.50 -14.28
CA ARG A 101 -2.39 1.67 -14.74
C ARG A 101 -2.98 2.44 -13.58
N SER A 102 -2.93 3.77 -13.61
CA SER A 102 -3.53 4.58 -12.56
C SER A 102 -4.34 5.71 -13.17
N SER A 103 -5.45 6.08 -12.52
CA SER A 103 -6.18 7.26 -12.95
C SER A 103 -6.26 8.26 -11.80
N VAL A 104 -6.05 9.54 -12.06
CA VAL A 104 -6.20 10.54 -11.00
C VAL A 104 -7.29 11.55 -11.38
N HIS A 105 -7.59 12.47 -10.46
CA HIS A 105 -8.69 13.42 -10.64
C HIS A 105 -9.98 12.65 -10.85
N TYR A 106 -10.10 11.55 -10.10
CA TYR A 106 -11.34 10.77 -10.15
C TYR A 106 -12.45 11.45 -9.38
N SER A 107 -13.61 11.62 -10.03
CA SER A 107 -14.78 12.25 -9.41
C SER A 107 -14.45 13.66 -8.90
N GLN A 108 -15.26 14.17 -8.00
CA GLN A 108 -15.12 15.51 -7.45
C GLN A 108 -15.11 15.44 -5.92
N GLY A 109 -14.11 16.04 -5.29
CA GLY A 109 -13.99 16.01 -3.83
C GLY A 109 -13.95 14.61 -3.26
N TYR A 110 -13.40 13.65 -4.01
CA TYR A 110 -13.49 12.25 -3.64
C TYR A 110 -12.42 11.83 -2.64
N ASN A 111 -12.85 11.43 -1.45
CA ASN A 111 -11.97 11.10 -0.35
C ASN A 111 -11.52 9.65 -0.31
N ASN A 112 -11.27 9.01 -1.46
CA ASN A 112 -10.89 7.61 -1.44
C ASN A 112 -9.86 7.33 -2.53
N ALA A 113 -9.19 6.20 -2.41
CA ALA A 113 -8.37 5.63 -3.47
C ALA A 113 -8.64 4.11 -3.45
N PHE A 114 -8.50 3.44 -4.58
CA PHE A 114 -8.86 2.02 -4.64
C PHE A 114 -8.20 1.34 -5.84
N TRP A 115 -8.23 0.01 -5.80
CA TRP A 115 -7.90 -0.88 -6.89
C TRP A 115 -9.22 -1.41 -7.46
N ASN A 116 -9.55 -1.26 -8.74
CA ASN A 116 -10.91 -1.61 -9.13
C ASN A 116 -11.00 -2.98 -9.79
N GLY A 117 -9.98 -3.80 -9.59
CA GLY A 117 -9.89 -5.09 -10.25
C GLY A 117 -8.91 -5.04 -11.41
N SER A 118 -8.63 -3.83 -11.91
CA SER A 118 -7.82 -3.71 -13.11
C SER A 118 -6.83 -2.55 -13.08
N GLU A 119 -7.08 -1.57 -12.22
CA GLU A 119 -6.23 -0.38 -12.12
C GLU A 119 -6.41 0.32 -10.78
N MET A 120 -5.48 1.22 -10.49
CA MET A 120 -5.53 2.10 -9.33
C MET A 120 -6.28 3.37 -9.69
N VAL A 121 -6.98 3.90 -8.68
CA VAL A 121 -7.83 5.06 -8.84
C VAL A 121 -7.67 6.00 -7.65
N TYR A 122 -7.43 7.29 -7.89
CA TYR A 122 -7.23 8.23 -6.80
C TYR A 122 -8.16 9.44 -6.88
N GLY A 123 -8.91 9.71 -5.81
CA GLY A 123 -9.68 10.95 -5.76
C GLY A 123 -8.75 12.12 -5.44
N ASP A 124 -9.26 13.34 -5.52
CA ASP A 124 -8.46 14.53 -5.21
C ASP A 124 -8.65 14.95 -3.74
N GLY A 125 -9.60 14.31 -3.07
CA GLY A 125 -9.92 14.67 -1.70
C GLY A 125 -10.80 15.91 -1.68
N ASP A 126 -11.40 16.24 -0.52
CA ASP A 126 -12.23 17.45 -0.54
C ASP A 126 -11.41 18.63 -0.04
N GLY A 127 -10.09 18.41 0.11
CA GLY A 127 -9.25 19.49 0.59
C GLY A 127 -9.42 19.72 2.07
N GLN A 128 -10.31 19.00 2.72
CA GLN A 128 -10.48 19.16 4.16
C GLN A 128 -10.05 17.89 4.88
N THR A 129 -10.70 16.80 4.51
CA THR A 129 -10.35 15.52 5.10
C THR A 129 -9.15 14.92 4.37
N PHE A 130 -9.02 15.24 3.09
CA PHE A 130 -7.91 14.72 2.30
C PHE A 130 -7.49 15.70 1.19
N ILE A 131 -6.23 15.60 0.81
CA ILE A 131 -5.69 16.23 -0.40
C ILE A 131 -5.49 15.10 -1.42
N PRO A 132 -5.16 15.33 -2.68
CA PRO A 132 -5.08 14.22 -3.66
C PRO A 132 -4.32 13.03 -3.14
N LEU A 133 -5.04 11.90 -3.14
CA LEU A 133 -4.57 10.75 -2.37
C LEU A 133 -3.29 10.12 -2.88
N SER A 134 -2.95 10.34 -4.15
CA SER A 134 -1.70 9.81 -4.70
C SER A 134 -0.50 10.54 -4.10
N GLY A 135 -0.69 11.58 -3.30
CA GLY A 135 0.38 12.29 -2.65
C GLY A 135 1.11 11.55 -1.55
N GLY A 136 0.64 10.35 -1.21
CA GLY A 136 1.28 9.55 -0.17
C GLY A 136 1.77 8.25 -0.77
N ILE A 137 3.08 8.02 -0.65
CA ILE A 137 3.56 6.75 -1.20
C ILE A 137 2.98 5.56 -0.44
N ASP A 138 2.65 5.65 0.85
CA ASP A 138 2.04 4.50 1.52
C ASP A 138 0.66 4.24 0.94
N VAL A 139 -0.03 5.30 0.48
CA VAL A 139 -1.33 5.11 -0.17
C VAL A 139 -1.17 4.42 -1.52
N VAL A 140 -0.25 4.89 -2.35
CA VAL A 140 -0.06 4.26 -3.67
C VAL A 140 0.30 2.79 -3.50
N ALA A 141 1.28 2.51 -2.65
CA ALA A 141 1.73 1.14 -2.41
C ALA A 141 0.65 0.28 -1.76
N HIS A 142 -0.22 0.85 -0.92
CA HIS A 142 -1.38 0.14 -0.38
C HIS A 142 -2.26 -0.30 -1.54
N GLU A 143 -2.51 0.66 -2.44
CA GLU A 143 -3.41 0.29 -3.55
C GLU A 143 -2.78 -0.79 -4.42
N LEU A 144 -1.52 -0.62 -4.81
CA LEU A 144 -0.95 -1.63 -5.73
C LEU A 144 -0.84 -2.97 -5.01
N THR A 145 -0.66 -2.94 -3.69
CA THR A 145 -0.63 -4.21 -2.97
C THR A 145 -1.98 -4.90 -2.97
N HIS A 146 -3.11 -4.19 -3.11
CA HIS A 146 -4.40 -4.87 -3.25
C HIS A 146 -4.44 -5.71 -4.54
N ALA A 147 -3.76 -5.23 -5.56
CA ALA A 147 -3.62 -5.96 -6.81
C ALA A 147 -2.79 -7.22 -6.59
N VAL A 148 -1.67 -7.05 -5.90
CA VAL A 148 -0.80 -8.20 -5.59
C VAL A 148 -1.61 -9.26 -4.85
N THR A 149 -2.35 -8.83 -3.84
CA THR A 149 -3.11 -9.79 -3.03
C THR A 149 -4.15 -10.52 -3.85
N ASP A 150 -4.85 -9.74 -4.70
CA ASP A 150 -5.90 -10.38 -5.50
C ASP A 150 -5.30 -11.41 -6.46
N TYR A 151 -4.05 -11.23 -6.91
CA TYR A 151 -3.42 -12.18 -7.81
C TYR A 151 -2.76 -13.33 -7.06
N THR A 152 -2.61 -13.18 -5.74
CA THR A 152 -1.92 -14.23 -4.99
C THR A 152 -2.88 -14.92 -4.04
N ALA A 153 -2.88 -14.55 -2.76
CA ALA A 153 -3.80 -15.15 -1.79
C ALA A 153 -5.25 -15.00 -2.20
N GLY A 154 -5.64 -13.84 -2.76
CA GLY A 154 -7.05 -13.73 -3.18
C GLY A 154 -8.00 -13.50 -2.02
N LEU A 155 -7.48 -13.04 -0.89
CA LEU A 155 -8.23 -12.81 0.35
C LEU A 155 -9.56 -12.12 0.08
N ILE A 156 -10.66 -12.84 0.36
CA ILE A 156 -11.98 -12.21 0.12
C ILE A 156 -12.10 -10.92 0.90
N TYR A 157 -12.69 -9.87 0.36
CA TYR A 157 -12.72 -8.57 1.04
C TYR A 157 -13.88 -8.43 2.01
N GLN A 158 -13.90 -9.26 3.06
CA GLN A 158 -14.94 -9.12 4.07
CA GLN A 158 -14.96 -9.17 4.06
C GLN A 158 -14.51 -9.91 5.31
N ASN A 159 -14.98 -9.48 6.47
CA ASN A 159 -14.68 -10.14 7.74
C ASN A 159 -13.20 -10.36 7.94
N GLU A 160 -12.76 -11.47 8.54
CA GLU A 160 -11.34 -11.59 8.87
C GLU A 160 -10.47 -11.68 7.63
N SER A 161 -10.91 -12.38 6.58
CA SER A 161 -9.99 -12.41 5.43
C SER A 161 -9.82 -11.02 4.84
N GLY A 162 -10.89 -10.25 4.94
CA GLY A 162 -10.88 -8.87 4.50
C GLY A 162 -9.98 -8.01 5.37
N ALA A 163 -9.96 -8.26 6.67
CA ALA A 163 -9.08 -7.53 7.58
C ALA A 163 -7.62 -7.83 7.28
N ILE A 164 -7.37 -9.10 6.90
CA ILE A 164 -6.00 -9.46 6.54
C ILE A 164 -5.60 -8.78 5.23
N ASN A 165 -6.54 -8.82 4.29
CA ASN A 165 -6.32 -8.14 3.01
C ASN A 165 -5.91 -6.70 3.25
N GLU A 166 -6.65 -5.94 4.06
CA GLU A 166 -6.29 -4.56 4.37
C GLU A 166 -4.95 -4.42 5.07
N ALA A 167 -4.68 -5.28 6.05
CA ALA A 167 -3.41 -5.22 6.78
C ALA A 167 -2.21 -5.43 5.88
N ILE A 168 -2.31 -6.40 4.98
CA ILE A 168 -1.23 -6.66 4.03
C ILE A 168 -0.91 -5.39 3.23
N SER A 169 -1.93 -4.68 2.74
CA SER A 169 -1.75 -3.42 2.03
C SER A 169 -1.16 -2.33 2.92
N ASP A 170 -1.53 -2.30 4.19
CA ASP A 170 -0.93 -1.26 5.04
C ASP A 170 0.51 -1.64 5.33
N ILE A 171 0.73 -2.95 5.49
CA ILE A 171 2.09 -3.39 5.86
C ILE A 171 3.01 -3.10 4.70
N PHE A 172 2.61 -3.53 3.50
CA PHE A 172 3.57 -3.31 2.40
C PHE A 172 3.59 -1.85 2.00
N GLY A 173 2.50 -1.12 2.23
CA GLY A 173 2.56 0.31 1.90
C GLY A 173 3.63 0.94 2.80
N THR A 174 3.66 0.48 4.05
CA THR A 174 4.64 1.03 4.99
C THR A 174 6.05 0.58 4.62
N LEU A 175 6.23 -0.70 4.30
CA LEU A 175 7.56 -1.14 3.89
C LEU A 175 8.03 -0.42 2.63
N VAL A 176 7.13 -0.11 1.69
CA VAL A 176 7.57 0.68 0.54
C VAL A 176 7.96 2.10 0.95
N GLU A 177 7.19 2.68 1.87
CA GLU A 177 7.53 4.00 2.39
C GLU A 177 8.94 4.03 2.95
N PHE A 178 9.25 3.00 3.74
CA PHE A 178 10.59 2.88 4.30
C PHE A 178 11.59 2.61 3.19
N TYR A 179 11.15 1.87 2.17
CA TYR A 179 12.05 1.59 1.06
C TYR A 179 12.49 2.86 0.33
N ALA A 180 11.55 3.77 0.12
CA ALA A 180 11.86 5.05 -0.51
C ALA A 180 12.64 5.93 0.46
N ASN A 181 12.37 5.76 1.74
CA ASN A 181 13.13 6.35 2.83
C ASN A 181 13.02 7.85 2.93
N LYS A 182 11.81 8.40 2.74
CA LYS A 182 11.70 9.84 2.95
C LYS A 182 10.84 10.06 4.19
N ASN A 183 11.52 10.21 5.32
CA ASN A 183 10.83 10.32 6.61
C ASN A 183 9.80 9.22 6.85
N PRO A 184 10.18 7.95 6.75
CA PRO A 184 9.22 6.85 6.93
C PRO A 184 8.69 6.80 8.36
N ASP A 185 7.51 6.25 8.56
CA ASP A 185 6.85 6.12 9.85
C ASP A 185 5.98 4.86 9.83
N TRP A 186 5.40 4.48 10.97
CA TRP A 186 4.49 3.34 11.01
C TRP A 186 3.05 3.81 11.03
N GLU A 187 2.85 5.01 10.49
CA GLU A 187 1.50 5.58 10.34
C GLU A 187 1.02 5.46 8.89
N ILE A 188 -0.30 5.54 8.67
CA ILE A 188 -0.83 5.37 7.32
C ILE A 188 -1.52 6.62 6.81
N GLY A 189 -1.08 7.17 5.68
CA GLY A 189 -1.85 8.22 5.03
C GLY A 189 -1.52 9.59 5.55
N GLU A 190 -0.50 9.66 6.41
CA GLU A 190 -0.25 10.95 7.06
C GLU A 190 0.03 12.07 6.07
N ASP A 191 0.53 11.76 4.87
CA ASP A 191 0.92 12.82 3.95
C ASP A 191 -0.28 13.50 3.27
N VAL A 192 -1.42 12.83 3.19
CA VAL A 192 -2.53 13.43 2.44
C VAL A 192 -3.78 13.58 3.31
N TYR A 193 -3.64 13.18 4.57
CA TYR A 193 -4.74 13.28 5.52
C TYR A 193 -4.80 14.60 6.29
N THR A 194 -5.96 15.22 6.38
CA THR A 194 -6.31 16.44 7.09
C THR A 194 -5.21 17.49 7.05
N PRO A 195 -5.17 18.19 5.92
CA PRO A 195 -4.13 19.19 5.70
C PRO A 195 -4.11 20.26 6.81
N GLY A 196 -5.26 20.46 7.45
CA GLY A 196 -5.36 21.42 8.52
C GLY A 196 -4.84 20.93 9.86
N ILE A 197 -4.57 19.63 10.03
CA ILE A 197 -4.08 19.18 11.34
C ILE A 197 -2.76 18.47 11.23
N SER A 198 -1.72 18.94 11.91
CA SER A 198 -0.43 18.23 11.80
C SER A 198 -0.36 17.10 12.80
N GLY A 199 0.45 16.08 12.52
CA GLY A 199 0.65 15.04 13.49
C GLY A 199 -0.32 13.89 13.46
N ASP A 200 -1.39 13.93 12.66
CA ASP A 200 -2.33 12.81 12.68
C ASP A 200 -2.17 11.92 11.45
N SER A 201 -3.10 10.97 11.34
CA SER A 201 -3.04 10.03 10.23
C SER A 201 -4.35 9.25 10.14
N LEU A 202 -4.51 8.53 9.03
CA LEU A 202 -5.74 7.78 8.82
C LEU A 202 -5.77 6.58 9.75
N ARG A 203 -4.63 5.88 9.76
CA ARG A 203 -4.42 4.77 10.66
C ARG A 203 -3.00 4.80 11.23
N SER A 204 -2.87 4.04 12.31
CA SER A 204 -1.58 3.84 12.93
C SER A 204 -1.34 2.33 13.02
N MET A 205 -0.15 1.90 12.61
CA MET A 205 0.14 0.49 12.87
C MET A 205 0.78 0.35 14.25
N SER A 206 1.45 1.40 14.71
CA SER A 206 2.20 1.31 15.98
C SER A 206 1.21 1.31 17.13
N ASP A 207 0.12 2.05 16.95
CA ASP A 207 -0.94 2.15 17.95
C ASP A 207 -2.31 2.37 17.30
N PRO A 208 -2.86 1.31 16.72
CA PRO A 208 -4.15 1.39 16.02
C PRO A 208 -5.22 2.12 16.82
N ALA A 209 -5.18 1.90 18.13
CA ALA A 209 -6.14 2.41 19.09
C ALA A 209 -6.26 3.93 19.05
N LYS A 210 -5.13 4.55 18.70
CA LYS A 210 -5.10 6.01 18.54
C LYS A 210 -6.26 6.51 17.69
N TYR A 211 -6.74 5.74 16.71
CA TYR A 211 -7.84 6.19 15.87
C TYR A 211 -9.03 5.25 15.93
N GLY A 212 -9.19 4.55 17.04
CA GLY A 212 -10.35 3.73 17.33
C GLY A 212 -10.34 2.33 16.74
N ASP A 213 -9.18 1.87 16.29
CA ASP A 213 -9.06 0.50 15.78
C ASP A 213 -8.49 -0.39 16.87
N PRO A 214 -8.98 -1.61 16.94
CA PRO A 214 -8.55 -2.60 17.91
C PRO A 214 -7.09 -3.01 17.74
N ASP A 215 -6.47 -3.27 18.88
CA ASP A 215 -5.10 -3.73 18.95
C ASP A 215 -5.03 -5.08 19.69
N HIS A 216 -6.17 -5.75 19.78
CA HIS A 216 -6.32 -7.05 20.43
C HIS A 216 -7.53 -7.81 19.90
N TYR A 217 -7.39 -9.13 19.76
CA TYR A 217 -8.49 -9.86 19.14
C TYR A 217 -9.78 -9.76 19.94
N SER A 218 -9.64 -9.59 21.25
CA SER A 218 -10.83 -9.52 22.11
C SER A 218 -11.61 -8.25 21.84
N LYS A 219 -10.95 -7.29 21.17
CA LYS A 219 -11.61 -6.01 20.86
C LYS A 219 -12.10 -5.93 19.43
N ARG A 220 -12.18 -7.07 18.73
CA ARG A 220 -12.52 -6.97 17.31
C ARG A 220 -13.98 -6.59 17.10
N TYR A 221 -14.23 -5.93 15.99
CA TYR A 221 -15.54 -5.52 15.53
C TYR A 221 -16.25 -6.63 14.78
N THR A 222 -17.52 -6.91 15.10
CA THR A 222 -18.18 -8.01 14.40
C THR A 222 -19.47 -7.56 13.76
N GLY A 223 -19.70 -6.25 13.74
CA GLY A 223 -20.92 -5.78 13.07
C GLY A 223 -20.75 -5.87 11.57
N THR A 224 -21.57 -5.14 10.81
CA THR A 224 -21.54 -5.27 9.36
C THR A 224 -20.98 -4.05 8.64
N GLN A 225 -20.70 -2.94 9.32
CA GLN A 225 -20.16 -1.77 8.62
C GLN A 225 -18.80 -2.08 7.99
N ASP A 226 -18.45 -1.39 6.90
CA ASP A 226 -17.10 -1.51 6.37
C ASP A 226 -16.76 -2.95 6.02
N ASN A 227 -17.72 -3.64 5.41
CA ASN A 227 -17.53 -5.03 5.05
C ASN A 227 -17.15 -5.91 6.24
N GLY A 228 -17.81 -5.69 7.38
CA GLY A 228 -17.45 -6.54 8.52
C GLY A 228 -16.14 -6.05 9.15
N GLY A 229 -15.84 -4.77 8.97
CA GLY A 229 -14.76 -4.07 9.64
C GLY A 229 -13.37 -4.27 9.08
N VAL A 230 -13.25 -4.24 7.76
CA VAL A 230 -11.94 -4.59 7.16
C VAL A 230 -10.89 -3.56 7.48
N HIS A 231 -11.26 -2.28 7.59
CA HIS A 231 -10.32 -1.23 7.92
C HIS A 231 -10.21 -1.00 9.43
N ILE A 232 -10.92 -1.82 10.18
CA ILE A 232 -11.01 -1.71 11.63
C ILE A 232 -10.23 -2.85 12.27
N ASN A 233 -10.65 -4.08 11.98
CA ASN A 233 -9.96 -5.23 12.51
C ASN A 233 -8.57 -5.38 11.90
N SER A 234 -8.23 -4.65 10.83
CA SER A 234 -6.86 -4.73 10.35
C SER A 234 -5.89 -4.22 11.40
N GLY A 235 -6.38 -3.40 12.33
CA GLY A 235 -5.49 -2.92 13.39
C GLY A 235 -4.82 -4.05 14.15
N ILE A 236 -5.55 -5.15 14.30
CA ILE A 236 -5.02 -6.27 15.10
C ILE A 236 -3.82 -6.89 14.40
N ILE A 237 -3.92 -7.03 13.08
CA ILE A 237 -2.79 -7.57 12.31
C ILE A 237 -1.68 -6.53 12.14
N ASN A 238 -2.02 -5.26 11.89
CA ASN A 238 -1.03 -4.20 11.77
C ASN A 238 -0.19 -4.13 13.04
N LYS A 239 -0.86 -4.26 14.17
CA LYS A 239 -0.14 -4.20 15.44
C LYS A 239 0.81 -5.40 15.52
N ALA A 240 0.29 -6.55 15.13
CA ALA A 240 1.16 -7.73 15.20
C ALA A 240 2.40 -7.57 14.32
N ALA A 241 2.21 -6.96 13.15
CA ALA A 241 3.32 -6.78 12.21
C ALA A 241 4.31 -5.78 12.78
N TYR A 242 3.79 -4.68 13.31
CA TYR A 242 4.63 -3.69 13.96
C TYR A 242 5.53 -4.35 15.02
N LEU A 243 4.90 -5.17 15.86
CA LEU A 243 5.60 -5.84 16.95
C LEU A 243 6.70 -6.75 16.43
N ILE A 244 6.38 -7.55 15.43
CA ILE A 244 7.38 -8.46 14.85
C ILE A 244 8.60 -7.69 14.40
N SER A 245 8.32 -6.54 13.78
CA SER A 245 9.39 -5.70 13.28
C SER A 245 10.09 -4.90 14.37
N GLN A 246 9.31 -4.21 15.20
CA GLN A 246 9.92 -3.24 16.11
C GLN A 246 10.04 -3.75 17.54
N GLY A 247 9.31 -4.81 17.86
CA GLY A 247 9.26 -5.38 19.19
C GLY A 247 8.44 -4.52 20.14
N GLY A 248 8.35 -4.96 21.40
CA GLY A 248 7.62 -4.16 22.40
C GLY A 248 6.90 -5.08 23.36
N THR A 249 6.36 -4.52 24.45
CA THR A 249 5.51 -5.33 25.32
C THR A 249 4.07 -4.85 25.18
N HIS A 250 3.15 -5.71 24.78
CA HIS A 250 1.79 -5.24 24.52
C HIS A 250 0.82 -6.04 25.38
N TYR A 251 0.03 -5.41 26.24
CA TYR A 251 -0.80 -6.11 27.21
C TYR A 251 0.01 -7.18 27.94
N GLY A 252 1.21 -6.79 28.34
CA GLY A 252 2.05 -7.65 29.16
C GLY A 252 2.82 -8.72 28.42
N VAL A 253 2.64 -8.85 27.11
CA VAL A 253 3.38 -9.86 26.34
C VAL A 253 4.53 -9.20 25.58
N SER A 254 5.76 -9.66 25.81
CA SER A 254 6.97 -9.05 25.31
C SER A 254 7.37 -9.64 23.96
N VAL A 255 7.72 -8.80 22.99
CA VAL A 255 8.10 -9.29 21.67
C VAL A 255 9.49 -8.76 21.30
N VAL A 256 10.42 -9.62 20.95
CA VAL A 256 11.71 -9.20 20.42
C VAL A 256 11.63 -8.83 18.95
N GLY A 257 11.89 -7.57 18.59
CA GLY A 257 11.77 -7.18 17.19
C GLY A 257 12.81 -7.82 16.28
N ILE A 258 12.46 -8.13 15.03
CA ILE A 258 13.42 -8.72 14.11
C ILE A 258 13.70 -7.82 12.90
N GLY A 259 13.04 -6.65 12.88
CA GLY A 259 13.38 -5.70 11.84
C GLY A 259 12.44 -5.80 10.64
N ARG A 260 12.33 -4.71 9.92
CA ARG A 260 11.53 -4.49 8.73
CA ARG A 260 11.44 -4.55 8.77
C ARG A 260 11.71 -5.53 7.64
N ASP A 261 12.97 -5.77 7.28
CA ASP A 261 13.23 -6.64 6.14
C ASP A 261 12.72 -8.04 6.41
N LYS A 262 12.97 -8.60 7.59
CA LYS A 262 12.49 -9.96 7.89
C LYS A 262 10.97 -9.98 7.97
N LEU A 263 10.38 -8.93 8.55
CA LEU A 263 8.92 -8.82 8.53
C LEU A 263 8.42 -8.94 7.09
N GLY A 264 9.05 -8.18 6.20
CA GLY A 264 8.60 -8.22 4.80
C GLY A 264 8.80 -9.60 4.20
N LYS A 265 9.93 -10.24 4.49
CA LYS A 265 10.16 -11.57 3.90
C LYS A 265 9.09 -12.54 4.39
N ILE A 266 8.82 -12.47 5.70
CA ILE A 266 7.85 -13.44 6.25
C ILE A 266 6.46 -13.24 5.69
N PHE A 267 6.00 -11.98 5.67
CA PHE A 267 4.63 -11.76 5.25
C PHE A 267 4.48 -11.94 3.75
N TYR A 268 5.55 -11.70 2.99
CA TYR A 268 5.46 -11.87 1.53
C TYR A 268 5.32 -13.37 1.24
N ARG A 269 6.09 -14.17 1.99
CA ARG A 269 6.01 -15.62 1.81
C ARG A 269 4.64 -16.14 2.21
N ALA A 270 4.11 -15.65 3.33
CA ALA A 270 2.81 -16.09 3.78
C ALA A 270 1.74 -15.74 2.74
N LEU A 271 1.84 -14.52 2.24
CA LEU A 271 0.91 -14.03 1.23
C LEU A 271 0.92 -14.85 -0.05
N THR A 272 2.11 -15.24 -0.52
CA THR A 272 2.14 -15.87 -1.84
C THR A 272 2.18 -17.39 -1.78
N GLN A 273 2.47 -17.97 -0.63
CA GLN A 273 2.57 -19.44 -0.56
C GLN A 273 1.55 -20.07 0.38
N TYR A 274 1.00 -19.37 1.38
CA TYR A 274 0.16 -20.08 2.34
C TYR A 274 -1.24 -19.52 2.49
N LEU A 275 -1.44 -18.21 2.45
CA LEU A 275 -2.80 -17.71 2.61
C LEU A 275 -3.67 -18.11 1.42
N THR A 276 -4.97 -18.18 1.66
CA THR A 276 -6.00 -18.48 0.68
C THR A 276 -7.14 -17.48 0.77
N PRO A 277 -8.02 -17.42 -0.22
CA PRO A 277 -9.17 -16.50 -0.19
C PRO A 277 -9.92 -16.48 1.13
N THR A 278 -9.94 -17.57 1.91
CA THR A 278 -10.75 -17.46 3.12
C THR A 278 -9.95 -17.52 4.41
N SER A 279 -8.64 -17.34 4.37
CA SER A 279 -7.85 -17.39 5.60
C SER A 279 -8.40 -16.46 6.68
N ASN A 280 -8.42 -16.95 7.90
CA ASN A 280 -8.81 -16.10 9.04
C ASN A 280 -7.55 -15.78 9.85
N PHE A 281 -7.72 -15.00 10.92
CA PHE A 281 -6.55 -14.55 11.67
C PHE A 281 -5.72 -15.72 12.20
N SER A 282 -6.43 -16.72 12.72
CA SER A 282 -5.68 -17.89 13.19
C SER A 282 -4.91 -18.54 12.06
N GLN A 283 -5.47 -18.59 10.84
CA GLN A 283 -4.68 -19.25 9.79
C GLN A 283 -3.57 -18.35 9.32
N LEU A 284 -3.74 -17.02 9.42
CA LEU A 284 -2.59 -16.18 9.10
C LEU A 284 -1.45 -16.44 10.08
N ARG A 285 -1.78 -16.59 11.36
CA ARG A 285 -0.72 -16.87 12.32
C ARG A 285 0.06 -18.13 11.94
N ALA A 286 -0.64 -19.21 11.60
CA ALA A 286 0.04 -20.44 11.16
C ALA A 286 0.84 -20.26 9.89
N ALA A 287 0.29 -19.44 8.99
CA ALA A 287 1.00 -19.11 7.75
C ALA A 287 2.27 -18.34 8.06
N ALA A 288 2.18 -17.41 9.02
CA ALA A 288 3.36 -16.60 9.31
C ALA A 288 4.42 -17.43 10.01
N VAL A 289 3.98 -18.33 10.88
CA VAL A 289 4.89 -19.20 11.60
C VAL A 289 5.58 -20.19 10.66
N GLN A 290 4.82 -20.73 9.72
CA GLN A 290 5.38 -21.67 8.75
C GLN A 290 6.33 -20.97 7.79
N SER A 291 6.02 -19.73 7.43
CA SER A 291 6.89 -18.96 6.54
C SER A 291 8.22 -18.61 7.20
N ALA A 292 8.12 -18.14 8.45
CA ALA A 292 9.32 -17.84 9.21
C ALA A 292 10.11 -19.14 9.36
N THR A 293 9.37 -20.23 9.59
CA THR A 293 10.13 -21.47 9.75
C THR A 293 10.86 -21.84 8.47
N ASP A 294 10.18 -21.72 7.34
CA ASP A 294 10.82 -21.98 6.06
C ASP A 294 12.10 -21.13 5.95
N LEU A 295 11.97 -19.86 6.31
CA LEU A 295 13.04 -18.93 6.00
C LEU A 295 14.22 -19.01 6.95
N TYR A 296 13.94 -19.26 8.23
CA TYR A 296 14.99 -19.14 9.25
C TYR A 296 15.14 -20.37 10.13
N GLY A 297 14.30 -21.38 9.97
CA GLY A 297 14.46 -22.57 10.81
C GLY A 297 13.55 -22.51 12.02
N SER A 298 12.99 -23.68 12.36
CA SER A 298 11.98 -23.72 13.41
C SER A 298 12.52 -23.22 14.75
N THR A 299 13.84 -23.28 14.97
CA THR A 299 14.33 -22.84 16.27
C THR A 299 14.78 -21.38 16.22
N SER A 300 14.41 -20.67 15.16
CA SER A 300 14.86 -19.29 15.05
C SER A 300 14.23 -18.35 16.07
N GLN A 301 14.91 -17.22 16.31
CA GLN A 301 14.38 -16.04 16.94
C GLN A 301 13.16 -15.52 16.18
N GLU A 302 13.29 -15.56 14.85
CA GLU A 302 12.24 -15.06 13.96
C GLU A 302 10.94 -15.80 14.17
N VAL A 303 11.02 -17.13 14.25
CA VAL A 303 9.77 -17.86 14.51
C VAL A 303 9.26 -17.53 15.90
N ALA A 304 10.19 -17.46 16.87
CA ALA A 304 9.74 -17.20 18.24
C ALA A 304 9.06 -15.84 18.31
N SER A 305 9.58 -14.86 17.56
CA SER A 305 8.98 -13.53 17.63
C SER A 305 7.62 -13.47 16.97
N VAL A 306 7.46 -14.22 15.88
CA VAL A 306 6.14 -14.23 15.25
C VAL A 306 5.10 -14.73 16.24
N LYS A 307 5.43 -15.80 16.96
CA LYS A 307 4.45 -16.36 17.90
C LYS A 307 4.15 -15.36 19.02
N GLN A 308 5.18 -14.71 19.56
CA GLN A 308 5.03 -13.71 20.60
C GLN A 308 4.08 -12.59 20.16
N ALA A 309 4.25 -12.16 18.91
CA ALA A 309 3.46 -11.08 18.34
C ALA A 309 2.00 -11.45 18.26
N PHE A 310 1.75 -12.65 17.68
CA PHE A 310 0.33 -13.03 17.62
C PHE A 310 -0.19 -13.31 19.01
N ASP A 311 0.63 -13.84 19.94
CA ASP A 311 0.15 -13.95 21.31
C ASP A 311 -0.25 -12.59 21.88
N ALA A 312 0.59 -11.58 21.64
CA ALA A 312 0.33 -10.26 22.22
C ALA A 312 -0.97 -9.69 21.68
N VAL A 313 -1.38 -10.00 20.45
CA VAL A 313 -2.66 -9.45 19.97
C VAL A 313 -3.81 -10.42 20.17
N GLY A 314 -3.56 -11.50 20.90
CA GLY A 314 -4.65 -12.38 21.31
C GLY A 314 -5.14 -13.29 20.21
N VAL A 315 -4.27 -13.54 19.22
CA VAL A 315 -4.55 -14.43 18.10
C VAL A 315 -3.80 -15.74 18.26
N LYS A 316 -4.53 -16.83 18.47
CA LYS A 316 -3.93 -18.14 18.68
C LYS A 316 -4.06 -19.02 17.44
CA CA B . 3.18 6.43 6.44
CA CA C . 3.54 20.80 -19.23
CA CA D . -3.16 15.81 8.80
ZN ZN E . -7.23 -0.88 1.22
C1 S3B F . -8.55 3.98 1.10
O2 S3B F . -7.20 4.08 0.92
C3 S3B F . -6.35 3.72 1.89
C4 S3B F . -4.92 3.98 1.51
C5 S3B F . -3.97 3.87 2.73
O6 S3B F . -6.71 3.20 2.95
C7 S3B F . -9.27 5.15 1.35
C8 S3B F . -8.49 6.48 1.44
C9 S3B F . -10.66 5.13 1.50
C10 S3B F . -11.32 3.89 1.40
C11 S3B F . -10.61 2.71 1.16
C12 S3B F . -9.21 2.74 0.99
C13 S3B F . -8.45 1.45 0.78
O14 S3B F . -7.43 1.43 0.04
O15 S3B F . -8.84 0.40 1.34
S DMS G . -7.09 -8.70 26.97
O DMS G . -5.74 -8.72 27.52
C1 DMS G . -8.20 -9.31 28.24
C2 DMS G . -7.62 -6.99 26.93
#